data_9LQA
#
_entry.id   9LQA
#
_cell.length_a   71.396
_cell.length_b   71.396
_cell.length_c   121.502
_cell.angle_alpha   90.00
_cell.angle_beta   90.00
_cell.angle_gamma   90.00
#
_symmetry.space_group_name_H-M   'P 41 21 2'
#
loop_
_entity.id
_entity.type
_entity.pdbx_description
1 polymer NrN
2 non-polymer [(2~{S},3~{S},4~{R},5~{R})-5-(6-aminopurin-9-yl)-3-[[(2~{R},3~{S},4~{R},5~{R})-5-(6-aminopurin-9-yl)-3,4-bis(oxidanyl)oxolan-2-yl]methoxy-oxidanyl-phosphoryl]oxy-4-oxidanyl-oxolan-2-yl]methyl-[(3~{S})-3-azanyl-4-oxidanyl-4-oxidanylidene-butyl]-methyl-sulfanium
3 non-polymer 2-AMINO-2-HYDROXYMETHYL-PROPANE-1,3-DIOL
4 non-polymer 'MANGANESE (II) ION'
5 water water
#
_entity_poly.entity_id   1
_entity_poly.type   'polypeptide(L)'
_entity_poly.pdbx_seq_one_letter_code
;SMQKQAKEIKKHLFLLGGHDLAMQTIVQILTDRNVIFKDRYLQWDNALLSQYEEEIQQYGNKEPFIIYGVELKEDITPPT
NYIRIDHHNEYATYPSALEQVASILDHPLNRYQTLVAANDKAYIPGMLEIGASHEEINLIRQEDRKAQGVIEDDEKLAQE
AITNGTEKIGSLYVVFTTANKFSPICDRLYPYEKLLIYTPNELIYYGKGINSIQKILKRYTPISNIFWGGGINGFIGTVR
NRLTTNEILNIVEQIKLLEL
;
_entity_poly.pdbx_strand_id   A
#
loop_
_chem_comp.id
_chem_comp.type
_chem_comp.name
_chem_comp.formula
A1EL3 non-polymer [(2~{S},3~{S},4~{R},5~{R})-5-(6-aminopurin-9-yl)-3-[[(2~{R},3~{S},4~{R},5~{R})-5-(6-aminopurin-9-yl)-3,4-bis(oxidanyl)oxolan-2-yl]methoxy-oxidanyl-phosphoryl]oxy-4-oxidanyl-oxolan-2-yl]methyl-[(3~{S})-3-azanyl-4-oxidanyl-4-oxidanylidene-butyl]-methyl-sulfanium 'C25 H35 N11 O11 P S 1'
MN non-polymer 'MANGANESE (II) ION' 'Mn 2'
TRS non-polymer 2-AMINO-2-HYDROXYMETHYL-PROPANE-1,3-DIOL 'C4 H12 N O3 1'
#
# COMPACT_ATOMS: atom_id res chain seq x y z
N LYS A 10 -16.04 -21.93 14.57
CA LYS A 10 -14.75 -21.23 14.58
C LYS A 10 -14.89 -19.77 14.97
N LYS A 11 -14.05 -19.30 15.90
CA LYS A 11 -14.05 -17.91 16.35
C LYS A 11 -12.92 -17.14 15.66
N HIS A 12 -13.20 -15.89 15.32
CA HIS A 12 -12.26 -15.05 14.57
C HIS A 12 -11.50 -14.10 15.49
N LEU A 13 -10.21 -13.91 15.18
CA LEU A 13 -9.38 -12.86 15.77
C LEU A 13 -8.70 -12.16 14.60
N PHE A 14 -8.86 -10.84 14.51
CA PHE A 14 -8.21 -10.08 13.44
C PHE A 14 -7.09 -9.25 14.04
N LEU A 15 -5.91 -9.29 13.39
CA LEU A 15 -4.75 -8.47 13.75
C LEU A 15 -4.48 -7.53 12.60
N LEU A 16 -4.43 -6.23 12.87
CA LEU A 16 -4.47 -5.24 11.80
C LEU A 16 -3.08 -4.70 11.48
N GLY A 17 -2.84 -4.51 10.18
CA GLY A 17 -1.60 -3.92 9.69
C GLY A 17 -1.64 -2.40 9.63
N GLY A 18 -0.88 -1.84 8.69
CA GLY A 18 -0.67 -0.40 8.67
C GLY A 18 -1.91 0.36 8.24
N HIS A 19 -2.08 1.55 8.80
CA HIS A 19 -3.33 2.28 8.61
C HIS A 19 -3.35 3.07 7.31
N ASP A 20 -4.55 3.10 6.74
CA ASP A 20 -4.93 3.86 5.56
C ASP A 20 -6.46 3.87 5.59
N LEU A 21 -7.08 4.43 4.56
CA LEU A 21 -8.55 4.55 4.59
C LEU A 21 -9.20 3.17 4.64
N ALA A 22 -8.71 2.22 3.85
CA ALA A 22 -9.27 0.87 3.89
C ALA A 22 -9.14 0.24 5.29
N MET A 23 -8.00 0.42 5.95
CA MET A 23 -7.83 -0.18 7.27
C MET A 23 -8.76 0.48 8.28
N GLN A 24 -8.96 1.79 8.15
CA GLN A 24 -9.91 2.50 8.99
C GLN A 24 -11.32 1.96 8.79
N THR A 25 -11.67 1.65 7.53
CA THR A 25 -12.98 1.09 7.23
C THR A 25 -13.11 -0.32 7.80
N ILE A 26 -12.04 -1.10 7.75
CA ILE A 26 -12.03 -2.41 8.40
C ILE A 26 -12.31 -2.29 9.88
N VAL A 27 -11.65 -1.33 10.55
CA VAL A 27 -11.89 -1.13 11.97
C VAL A 27 -13.37 -0.91 12.25
N GLN A 28 -14.01 -0.07 11.45
CA GLN A 28 -15.43 0.23 11.66
C GLN A 28 -16.28 -1.03 11.52
N ILE A 29 -16.07 -1.81 10.46
CA ILE A 29 -16.84 -3.03 10.26
C ILE A 29 -16.60 -4.02 11.40
N LEU A 30 -15.33 -4.21 11.79
CA LEU A 30 -15.03 -5.13 12.89
C LEU A 30 -15.67 -4.63 14.18
N THR A 31 -15.65 -3.32 14.40
CA THR A 31 -16.26 -2.79 15.61
C THR A 31 -17.76 -3.03 15.61
N ASP A 32 -18.42 -2.77 14.47
CA ASP A 32 -19.86 -2.96 14.38
C ASP A 32 -20.27 -4.41 14.53
N ARG A 33 -19.45 -5.35 14.07
CA ARG A 33 -19.86 -6.75 14.06
C ARG A 33 -19.43 -7.50 15.31
N ASN A 34 -18.96 -6.80 16.35
CA ASN A 34 -18.59 -7.42 17.63
C ASN A 34 -17.48 -8.46 17.48
N VAL A 35 -16.58 -8.27 16.53
CA VAL A 35 -15.47 -9.18 16.28
C VAL A 35 -14.33 -8.91 17.26
N ILE A 36 -13.65 -9.97 17.69
CA ILE A 36 -12.38 -9.82 18.42
C ILE A 36 -11.33 -9.33 17.44
N PHE A 37 -10.72 -8.18 17.73
CA PHE A 37 -9.62 -7.72 16.88
C PHE A 37 -8.64 -6.87 17.70
N LYS A 38 -7.41 -6.79 17.19
CA LYS A 38 -6.35 -6.04 17.83
C LYS A 38 -5.80 -5.05 16.82
N ASP A 39 -5.59 -3.81 17.27
CA ASP A 39 -5.18 -2.71 16.40
C ASP A 39 -4.15 -1.91 17.19
N ARG A 40 -2.87 -2.02 16.80
CA ARG A 40 -1.81 -1.29 17.49
C ARG A 40 -1.43 0.01 16.79
N TYR A 41 -2.31 0.52 15.94
CA TYR A 41 -2.12 1.81 15.27
C TYR A 41 -0.83 1.83 14.46
N LEU A 42 -0.62 0.76 13.70
CA LEU A 42 0.57 0.60 12.89
C LEU A 42 0.49 1.45 11.63
N GLN A 43 1.60 1.52 10.93
CA GLN A 43 1.69 2.21 9.66
C GLN A 43 2.32 1.27 8.64
N TRP A 44 2.37 1.73 7.40
CA TRP A 44 2.81 0.88 6.29
C TRP A 44 4.21 0.28 6.53
N ASP A 45 5.12 1.00 7.18
CA ASP A 45 6.50 0.54 7.34
C ASP A 45 6.79 -0.08 8.71
N ASN A 46 5.77 -0.37 9.50
CA ASN A 46 6.04 -1.14 10.71
C ASN A 46 4.98 -2.22 10.92
N ALA A 47 4.32 -2.67 9.85
CA ALA A 47 3.23 -3.64 9.96
C ALA A 47 3.82 -5.05 10.04
N LEU A 48 4.39 -5.34 11.21
CA LEU A 48 5.07 -6.61 11.49
C LEU A 48 4.16 -7.51 12.31
N LEU A 49 4.08 -8.80 11.93
CA LEU A 49 3.31 -9.73 12.75
C LEU A 49 3.80 -9.73 14.19
N SER A 50 5.12 -9.54 14.40
CA SER A 50 5.67 -9.54 15.76
C SER A 50 5.13 -8.39 16.61
N GLN A 51 4.51 -7.37 16.00
CA GLN A 51 3.85 -6.37 16.83
C GLN A 51 2.77 -7.02 17.70
N TYR A 52 2.25 -8.17 17.26
CA TYR A 52 1.18 -8.88 17.96
C TYR A 52 1.68 -10.17 18.58
N GLU A 53 2.96 -10.21 18.98
CA GLU A 53 3.53 -11.45 19.47
C GLU A 53 2.73 -12.01 20.64
N GLU A 54 2.29 -11.13 21.55
CA GLU A 54 1.50 -11.57 22.68
C GLU A 54 0.24 -12.30 22.23
N GLU A 55 -0.48 -11.73 21.27
CA GLU A 55 -1.71 -12.34 20.78
C GLU A 55 -1.44 -13.67 20.09
N ILE A 56 -0.34 -13.74 19.32
CA ILE A 56 0.04 -15.00 18.69
C ILE A 56 0.34 -16.07 19.73
N GLN A 57 1.03 -15.70 20.82
CA GLN A 57 1.29 -16.68 21.87
C GLN A 57 -0.01 -17.15 22.51
N GLN A 58 -0.97 -16.23 22.71
CA GLN A 58 -2.20 -16.55 23.41
C GLN A 58 -3.16 -17.38 22.56
N TYR A 59 -3.35 -16.99 21.30
CA TYR A 59 -4.35 -17.63 20.44
C TYR A 59 -3.75 -18.62 19.45
N GLY A 60 -2.43 -18.60 19.27
CA GLY A 60 -1.81 -19.47 18.28
C GLY A 60 -1.99 -20.93 18.61
N ASN A 61 -2.37 -21.73 17.61
CA ASN A 61 -2.55 -23.17 17.75
C ASN A 61 -3.60 -23.53 18.80
N LYS A 62 -4.53 -22.62 19.08
CA LYS A 62 -5.56 -22.81 20.11
C LYS A 62 -6.90 -23.03 19.42
N GLU A 63 -7.46 -24.22 19.63
CA GLU A 63 -8.38 -24.87 18.67
C GLU A 63 -9.50 -23.99 18.14
N PRO A 64 -10.32 -23.33 18.96
CA PRO A 64 -11.50 -22.65 18.39
C PRO A 64 -11.15 -21.55 17.39
N PHE A 65 -9.99 -20.92 17.54
CA PHE A 65 -9.72 -19.64 16.91
C PHE A 65 -9.06 -19.78 15.54
N ILE A 66 -9.46 -18.92 14.61
CA ILE A 66 -8.71 -18.61 13.41
C ILE A 66 -8.19 -17.20 13.55
N ILE A 67 -6.90 -16.99 13.30
CA ILE A 67 -6.29 -15.68 13.42
C ILE A 67 -6.08 -15.14 12.01
N TYR A 68 -6.71 -14.01 11.69
CA TYR A 68 -6.54 -13.36 10.39
C TYR A 68 -5.57 -12.20 10.56
N GLY A 69 -4.44 -12.26 9.86
CA GLY A 69 -3.47 -11.19 9.85
C GLY A 69 -3.66 -10.33 8.62
N VAL A 70 -4.01 -9.06 8.84
CA VAL A 70 -4.43 -8.15 7.78
C VAL A 70 -3.23 -7.29 7.37
N GLU A 71 -2.60 -7.66 6.24
CA GLU A 71 -1.44 -6.95 5.69
C GLU A 71 -0.30 -6.82 6.70
N LEU A 72 0.12 -7.96 7.23
CA LEU A 72 1.20 -8.02 8.20
C LEU A 72 2.36 -8.81 7.62
N LYS A 73 3.57 -8.29 7.78
CA LYS A 73 4.77 -9.01 7.37
C LYS A 73 5.06 -10.13 8.37
N GLU A 74 5.29 -11.34 7.86
CA GLU A 74 5.46 -12.50 8.73
C GLU A 74 6.93 -12.63 9.16
N ASP A 75 7.34 -11.68 10.01
CA ASP A 75 8.70 -11.69 10.52
C ASP A 75 8.90 -12.73 11.61
N ILE A 76 7.82 -13.24 12.19
CA ILE A 76 7.86 -14.43 13.04
C ILE A 76 7.00 -15.49 12.36
N THR A 77 7.22 -16.74 12.75
CA THR A 77 6.52 -17.86 12.09
C THR A 77 5.07 -17.92 12.53
N PRO A 78 4.11 -17.84 11.60
CA PRO A 78 2.71 -17.89 12.00
C PRO A 78 2.35 -19.24 12.57
N PRO A 79 1.39 -19.30 13.50
CA PRO A 79 0.89 -20.58 13.99
C PRO A 79 0.01 -21.25 12.93
N THR A 80 -0.41 -22.48 13.23
CA THR A 80 -1.16 -23.23 12.21
C THR A 80 -2.58 -22.73 12.01
N ASN A 81 -3.12 -21.92 12.92
CA ASN A 81 -4.47 -21.39 12.77
C ASN A 81 -4.47 -19.95 12.27
N TYR A 82 -3.37 -19.52 11.64
CA TYR A 82 -3.22 -18.16 11.14
C TYR A 82 -3.50 -18.15 9.65
N ILE A 83 -4.22 -17.13 9.21
CA ILE A 83 -4.50 -16.95 7.79
C ILE A 83 -4.02 -15.57 7.38
N ARG A 84 -3.17 -15.53 6.37
CA ARG A 84 -2.71 -14.26 5.82
C ARG A 84 -3.78 -13.64 4.93
N ILE A 85 -4.14 -12.38 5.20
CA ILE A 85 -5.03 -11.61 4.34
C ILE A 85 -4.19 -10.51 3.70
N ASP A 86 -3.98 -10.61 2.39
CA ASP A 86 -3.07 -9.67 1.75
C ASP A 86 -3.40 -9.60 0.26
N HIS A 87 -2.93 -8.52 -0.38
CA HIS A 87 -3.15 -8.30 -1.79
C HIS A 87 -1.92 -7.64 -2.42
N HIS A 88 -0.73 -8.07 -2.01
CA HIS A 88 0.52 -7.53 -2.53
C HIS A 88 1.40 -8.67 -3.03
N ASN A 89 2.40 -8.30 -3.83
CA ASN A 89 3.47 -9.22 -4.26
C ASN A 89 2.82 -10.40 -4.98
N GLU A 90 3.01 -11.64 -4.54
CA GLU A 90 2.40 -12.73 -5.28
C GLU A 90 0.88 -12.70 -5.22
N TYR A 91 0.28 -11.90 -4.33
CA TYR A 91 -1.18 -11.75 -4.30
C TYR A 91 -1.62 -10.40 -4.83
N ALA A 92 -0.80 -9.76 -5.66
CA ALA A 92 -1.10 -8.41 -6.12
C ALA A 92 -2.39 -8.34 -6.95
N THR A 93 -2.89 -9.45 -7.48
CA THR A 93 -4.15 -9.42 -8.22
C THR A 93 -5.37 -9.63 -7.33
N TYR A 94 -5.18 -9.82 -6.04
CA TYR A 94 -6.31 -10.12 -5.16
C TYR A 94 -7.08 -8.85 -4.82
N PRO A 95 -8.33 -9.00 -4.39
CA PRO A 95 -9.10 -7.83 -3.94
C PRO A 95 -8.48 -7.22 -2.70
N SER A 96 -8.82 -5.96 -2.46
CA SER A 96 -8.34 -5.26 -1.28
C SER A 96 -8.59 -6.09 -0.04
N ALA A 97 -7.73 -5.92 0.95
CA ALA A 97 -7.96 -6.51 2.26
C ALA A 97 -9.35 -6.19 2.79
N LEU A 98 -9.82 -4.97 2.55
CA LEU A 98 -11.16 -4.61 3.01
C LEU A 98 -12.22 -5.54 2.41
N GLU A 99 -12.16 -5.78 1.10
CA GLU A 99 -13.12 -6.68 0.47
C GLU A 99 -12.98 -8.11 0.99
N GLN A 100 -11.73 -8.57 1.21
CA GLN A 100 -11.52 -9.91 1.74
C GLN A 100 -12.09 -10.07 3.14
N VAL A 101 -11.88 -9.06 4.01
CA VAL A 101 -12.45 -9.12 5.36
C VAL A 101 -13.97 -9.12 5.29
N ALA A 102 -14.56 -8.27 4.45
CA ALA A 102 -16.02 -8.23 4.36
C ALA A 102 -16.57 -9.59 3.92
N SER A 103 -15.90 -10.24 2.97
CA SER A 103 -16.33 -11.56 2.52
C SER A 103 -16.27 -12.57 3.65
N ILE A 104 -15.18 -12.55 4.45
CA ILE A 104 -15.09 -13.44 5.60
C ILE A 104 -16.29 -13.26 6.53
N LEU A 105 -16.76 -12.03 6.69
CA LEU A 105 -17.80 -11.71 7.65
C LEU A 105 -19.19 -11.66 7.04
N ASP A 106 -19.34 -12.01 5.76
CA ASP A 106 -20.62 -11.90 5.06
C ASP A 106 -21.19 -10.50 5.21
N HIS A 107 -20.31 -9.51 5.05
CA HIS A 107 -20.68 -8.11 5.18
C HIS A 107 -20.82 -7.51 3.81
N PRO A 108 -21.99 -6.98 3.46
CA PRO A 108 -22.16 -6.30 2.16
C PRO A 108 -21.63 -4.88 2.25
N LEU A 109 -20.66 -4.56 1.40
CA LEU A 109 -20.08 -3.22 1.42
C LEU A 109 -21.08 -2.20 0.87
N ASN A 110 -21.30 -1.12 1.61
CA ASN A 110 -22.13 -0.06 1.07
C ASN A 110 -21.33 0.73 0.03
N ARG A 111 -21.98 1.75 -0.55
CA ARG A 111 -21.38 2.48 -1.67
C ARG A 111 -20.06 3.14 -1.27
N TYR A 112 -20.04 3.87 -0.15
CA TYR A 112 -18.80 4.49 0.31
C TYR A 112 -17.70 3.45 0.48
N GLN A 113 -18.03 2.33 1.12
CA GLN A 113 -17.06 1.26 1.34
C GLN A 113 -16.58 0.65 0.03
N THR A 114 -17.44 0.53 -0.98
CA THR A 114 -16.94 0.00 -2.25
C THR A 114 -16.00 0.99 -2.92
N LEU A 115 -16.24 2.30 -2.75
CA LEU A 115 -15.29 3.29 -3.27
C LEU A 115 -13.96 3.19 -2.52
N VAL A 116 -14.02 3.09 -1.18
CA VAL A 116 -12.81 2.89 -0.39
C VAL A 116 -12.03 1.69 -0.90
N ALA A 117 -12.72 0.57 -1.18
CA ALA A 117 -12.03 -0.62 -1.64
C ALA A 117 -11.41 -0.42 -3.02
N ALA A 118 -12.15 0.24 -3.92
CA ALA A 118 -11.63 0.45 -5.27
C ALA A 118 -10.42 1.37 -5.25
N ASN A 119 -10.49 2.44 -4.45
CA ASN A 119 -9.32 3.31 -4.29
C ASN A 119 -8.15 2.55 -3.70
N ASP A 120 -8.42 1.71 -2.68
CA ASP A 120 -7.33 0.99 -2.04
C ASP A 120 -6.61 0.07 -3.02
N LYS A 121 -7.36 -0.60 -3.88
CA LYS A 121 -6.74 -1.58 -4.81
C LYS A 121 -6.31 -0.94 -6.13
N ALA A 122 -7.06 0.05 -6.63
CA ALA A 122 -6.79 0.54 -8.00
C ALA A 122 -6.98 2.06 -8.07
N TYR A 123 -6.76 2.75 -6.97
CA TYR A 123 -6.60 4.23 -6.96
C TYR A 123 -7.76 5.01 -7.63
N ILE A 124 -7.41 6.08 -8.32
CA ILE A 124 -8.44 6.88 -9.06
C ILE A 124 -9.04 6.06 -10.22
N PRO A 125 -8.26 5.38 -11.07
CA PRO A 125 -8.83 4.52 -12.09
C PRO A 125 -9.85 3.55 -11.49
N GLY A 126 -9.53 2.95 -10.35
CA GLY A 126 -10.48 2.07 -9.69
C GLY A 126 -11.79 2.77 -9.37
N MET A 127 -11.72 3.97 -8.80
CA MET A 127 -12.94 4.69 -8.45
C MET A 127 -13.72 5.13 -9.68
N LEU A 128 -13.03 5.46 -10.77
CA LEU A 128 -13.71 5.90 -11.98
C LEU A 128 -14.50 4.77 -12.63
N GLU A 129 -13.98 3.54 -12.56
CA GLU A 129 -14.67 2.46 -13.25
C GLU A 129 -15.92 1.99 -12.52
N ILE A 130 -16.18 2.47 -11.30
CA ILE A 130 -17.47 2.23 -10.66
C ILE A 130 -18.20 3.57 -10.52
N GLY A 131 -17.87 4.52 -11.40
CA GLY A 131 -18.64 5.73 -11.52
C GLY A 131 -18.54 6.73 -10.38
N ALA A 132 -17.38 6.82 -9.76
CA ALA A 132 -17.18 7.84 -8.73
C ALA A 132 -17.18 9.23 -9.37
N SER A 133 -17.79 10.19 -8.68
CA SER A 133 -17.81 11.57 -9.14
C SER A 133 -16.49 12.25 -8.80
N HIS A 134 -16.34 13.49 -9.27
CA HIS A 134 -15.16 14.28 -8.93
C HIS A 134 -15.10 14.57 -7.44
N GLU A 135 -16.25 14.89 -6.84
CA GLU A 135 -16.26 15.18 -5.41
C GLU A 135 -15.94 13.93 -4.60
N GLU A 136 -16.49 12.78 -5.02
CA GLU A 136 -16.23 11.53 -4.30
C GLU A 136 -14.75 11.18 -4.35
N ILE A 137 -14.14 11.29 -5.53
CA ILE A 137 -12.72 10.98 -5.67
C ILE A 137 -11.90 11.87 -4.76
N ASN A 138 -12.25 13.15 -4.67
CA ASN A 138 -11.47 14.08 -3.86
C ASN A 138 -11.62 13.78 -2.37
N LEU A 139 -12.83 13.47 -1.92
CA LEU A 139 -13.03 13.13 -0.50
C LEU A 139 -12.22 11.89 -0.14
N ILE A 140 -12.31 10.87 -0.98
CA ILE A 140 -11.65 9.60 -0.71
C ILE A 140 -10.13 9.80 -0.64
N ARG A 141 -9.58 10.53 -1.61
CA ARG A 141 -8.14 10.77 -1.60
C ARG A 141 -7.72 11.54 -0.35
N GLN A 142 -8.42 12.63 -0.03
CA GLN A 142 -8.10 13.38 1.18
C GLN A 142 -8.19 12.50 2.42
N GLU A 143 -9.22 11.66 2.50
CA GLU A 143 -9.38 10.85 3.72
C GLU A 143 -8.34 9.73 3.76
N ASP A 144 -7.93 9.23 2.60
CA ASP A 144 -6.89 8.21 2.55
C ASP A 144 -5.54 8.77 2.98
N ARG A 145 -5.14 9.92 2.39
CA ARG A 145 -3.91 10.60 2.81
C ARG A 145 -3.91 10.86 4.31
N LYS A 146 -5.05 11.32 4.85
CA LYS A 146 -5.14 11.63 6.27
C LYS A 146 -4.93 10.38 7.12
N ALA A 147 -5.58 9.27 6.75
CA ALA A 147 -5.39 8.03 7.49
C ALA A 147 -3.96 7.52 7.40
N GLN A 148 -3.24 7.83 6.32
CA GLN A 148 -1.83 7.49 6.22
C GLN A 148 -0.94 8.37 7.08
N GLY A 149 -1.48 9.46 7.61
CA GLY A 149 -0.72 10.39 8.42
C GLY A 149 -0.07 11.52 7.66
N VAL A 150 -0.44 11.78 6.41
CA VAL A 150 0.13 12.93 5.73
C VAL A 150 -0.36 14.20 6.42
N ILE A 151 0.52 15.19 6.51
CA ILE A 151 0.19 16.45 7.16
C ILE A 151 0.56 17.58 6.21
N GLU A 152 0.55 18.81 6.72
CA GLU A 152 0.81 19.97 5.88
C GLU A 152 2.23 19.96 5.31
N ASP A 153 3.23 19.71 6.15
CA ASP A 153 4.61 19.73 5.63
C ASP A 153 4.84 18.66 4.60
N ASP A 154 4.04 17.58 4.62
CA ASP A 154 4.09 16.60 3.54
C ASP A 154 3.56 17.20 2.24
N GLU A 155 2.43 17.90 2.30
CA GLU A 155 1.87 18.48 1.09
C GLU A 155 2.76 19.61 0.56
N LYS A 156 3.41 20.36 1.45
CA LYS A 156 4.31 21.41 1.01
C LYS A 156 5.51 20.84 0.26
N LEU A 157 6.17 19.83 0.85
CA LEU A 157 7.30 19.19 0.20
C LEU A 157 6.90 18.54 -1.12
N ALA A 158 5.67 18.04 -1.22
CA ALA A 158 5.22 17.47 -2.48
C ALA A 158 5.22 18.52 -3.59
N GLN A 159 4.64 19.69 -3.32
CA GLN A 159 4.65 20.76 -4.30
C GLN A 159 6.06 21.18 -4.66
N GLU A 160 6.95 21.26 -3.66
CA GLU A 160 8.34 21.61 -3.93
C GLU A 160 8.99 20.61 -4.89
N ALA A 161 8.80 19.31 -4.65
CA ALA A 161 9.40 18.30 -5.51
C ALA A 161 8.87 18.40 -6.93
N ILE A 162 7.59 18.75 -7.09
CA ILE A 162 7.02 18.81 -8.42
C ILE A 162 7.55 20.03 -9.17
N THR A 163 7.72 21.16 -8.47
CA THR A 163 8.26 22.35 -9.11
C THR A 163 9.76 22.23 -9.40
N ASN A 164 10.53 21.70 -8.45
CA ASN A 164 11.98 21.79 -8.54
C ASN A 164 12.69 20.46 -8.73
N GLY A 165 12.04 19.32 -8.51
CA GLY A 165 12.74 18.07 -8.62
C GLY A 165 12.20 17.09 -9.65
N THR A 166 11.46 17.59 -10.64
CA THR A 166 10.76 16.75 -11.60
C THR A 166 11.31 16.94 -13.00
N GLU A 167 11.42 15.85 -13.75
CA GLU A 167 11.73 15.88 -15.16
C GLU A 167 10.97 14.76 -15.85
N LYS A 168 10.61 15.00 -17.11
CA LYS A 168 9.84 14.03 -17.88
C LYS A 168 10.71 13.48 -18.99
N ILE A 169 10.78 12.15 -19.08
CA ILE A 169 11.56 11.43 -20.06
C ILE A 169 10.62 10.47 -20.76
N GLY A 170 10.30 10.73 -22.03
CA GLY A 170 9.28 9.94 -22.68
C GLY A 170 7.94 10.12 -21.97
N SER A 171 7.30 9.01 -21.61
CA SER A 171 6.06 9.07 -20.85
C SER A 171 6.27 8.99 -19.33
N LEU A 172 7.53 9.04 -18.89
CA LEU A 172 7.89 8.80 -17.49
C LEU A 172 8.22 10.12 -16.78
N TYR A 173 7.49 10.41 -15.72
CA TYR A 173 7.89 11.48 -14.80
C TYR A 173 8.86 10.90 -13.78
N VAL A 174 9.96 11.61 -13.55
CA VAL A 174 10.93 11.26 -12.52
C VAL A 174 11.00 12.40 -11.51
N VAL A 175 10.66 12.10 -10.26
CA VAL A 175 10.58 13.10 -9.19
C VAL A 175 11.57 12.72 -8.10
N PHE A 176 12.54 13.59 -7.85
CA PHE A 176 13.38 13.45 -6.67
C PHE A 176 12.77 14.24 -5.52
N THR A 177 12.68 13.63 -4.34
CA THR A 177 12.07 14.31 -3.22
C THR A 177 12.79 13.91 -1.93
N THR A 178 12.70 14.80 -0.94
CA THR A 178 13.06 14.47 0.43
C THR A 178 11.83 14.35 1.31
N ALA A 179 10.65 14.23 0.71
CA ALA A 179 9.43 14.07 1.46
C ALA A 179 9.37 12.70 2.14
N ASN A 180 8.66 12.66 3.26
CA ASN A 180 8.43 11.45 4.02
C ASN A 180 7.29 10.62 3.43
N LYS A 181 6.27 11.29 2.89
CA LYS A 181 5.10 10.63 2.32
C LYS A 181 5.03 10.92 0.83
N PHE A 182 4.86 9.87 0.02
CA PHE A 182 4.81 10.05 -1.43
C PHE A 182 3.41 10.29 -1.95
N SER A 183 2.37 9.81 -1.27
CA SER A 183 1.03 9.90 -1.85
C SER A 183 0.60 11.32 -2.21
N PRO A 184 1.01 12.39 -1.50
CA PRO A 184 0.65 13.73 -1.99
C PRO A 184 1.21 14.04 -3.37
N ILE A 185 2.35 13.46 -3.73
CA ILE A 185 2.94 13.73 -5.05
C ILE A 185 2.09 13.09 -6.15
N CYS A 186 1.73 11.81 -5.98
CA CYS A 186 0.89 11.15 -6.97
C CYS A 186 -0.38 11.94 -7.21
N ASP A 187 -1.03 12.35 -6.11
CA ASP A 187 -2.32 13.02 -6.21
C ASP A 187 -2.21 14.39 -6.87
N ARG A 188 -1.04 15.03 -6.80
CA ARG A 188 -0.86 16.30 -7.50
C ARG A 188 -0.51 16.11 -8.97
N LEU A 189 0.22 15.07 -9.34
CA LEU A 189 0.59 14.85 -10.73
C LEU A 189 -0.45 14.11 -11.54
N TYR A 190 -1.39 13.43 -10.90
CA TYR A 190 -2.35 12.62 -11.64
C TYR A 190 -3.20 13.52 -12.52
N PRO A 191 -3.54 13.08 -13.75
CA PRO A 191 -3.19 11.82 -14.40
C PRO A 191 -1.79 11.79 -15.00
N TYR A 192 -1.20 10.61 -15.03
CA TYR A 192 0.08 10.34 -15.68
C TYR A 192 0.05 8.88 -16.10
N GLU A 193 0.93 8.53 -17.04
CA GLU A 193 1.07 7.12 -17.43
C GLU A 193 2.10 6.38 -16.59
N LYS A 194 3.21 7.04 -16.26
CA LYS A 194 4.30 6.44 -15.51
C LYS A 194 4.88 7.48 -14.58
N LEU A 195 5.21 7.07 -13.36
CA LEU A 195 5.74 8.01 -12.38
C LEU A 195 6.75 7.28 -11.52
N LEU A 196 7.96 7.84 -11.41
CA LEU A 196 9.03 7.30 -10.57
C LEU A 196 9.41 8.36 -9.56
N ILE A 197 9.16 8.08 -8.28
CA ILE A 197 9.55 8.96 -7.19
C ILE A 197 10.71 8.29 -6.47
N TYR A 198 11.78 9.05 -6.21
CA TYR A 198 12.89 8.48 -5.48
C TYR A 198 13.51 9.50 -4.54
N THR A 199 14.21 8.97 -3.54
CA THR A 199 14.93 9.73 -2.53
C THR A 199 16.34 9.16 -2.50
N PRO A 200 17.22 9.63 -1.61
CA PRO A 200 18.54 9.00 -1.54
C PRO A 200 18.52 7.52 -1.20
N ASN A 201 17.44 6.99 -0.60
CA ASN A 201 17.46 5.58 -0.18
C ASN A 201 16.12 4.89 -0.36
N GLU A 202 15.32 5.33 -1.32
CA GLU A 202 13.99 4.76 -1.49
C GLU A 202 13.51 5.10 -2.90
N LEU A 203 12.67 4.23 -3.46
CA LEU A 203 11.95 4.59 -4.67
C LEU A 203 10.63 3.83 -4.72
N ILE A 204 9.66 4.44 -5.41
CA ILE A 204 8.42 3.78 -5.80
C ILE A 204 8.12 4.17 -7.23
N TYR A 205 7.76 3.18 -8.03
CA TYR A 205 7.34 3.33 -9.42
C TYR A 205 5.84 3.07 -9.50
N TYR A 206 5.14 3.91 -10.27
CA TYR A 206 3.70 3.80 -10.44
C TYR A 206 3.38 3.77 -11.92
N GLY A 207 2.49 2.86 -12.30
CA GLY A 207 1.93 2.87 -13.64
C GLY A 207 2.38 1.70 -14.49
N LYS A 208 2.38 1.92 -15.80
CA LYS A 208 2.45 0.86 -16.78
C LYS A 208 3.72 0.02 -16.63
N GLY A 209 3.53 -1.29 -16.62
CA GLY A 209 4.62 -2.23 -16.81
C GLY A 209 5.47 -2.48 -15.58
N ILE A 210 4.84 -2.78 -14.43
CA ILE A 210 5.66 -2.98 -13.24
C ILE A 210 6.52 -4.22 -13.36
N ASN A 211 6.15 -5.17 -14.23
CA ASN A 211 6.93 -6.42 -14.29
C ASN A 211 8.33 -6.19 -14.83
N SER A 212 8.48 -5.29 -15.78
CA SER A 212 9.83 -4.95 -16.23
C SER A 212 10.58 -4.18 -15.14
N ILE A 213 9.87 -3.41 -14.31
CA ILE A 213 10.52 -2.76 -13.18
C ILE A 213 11.00 -3.80 -12.18
N GLN A 214 10.19 -4.83 -11.97
CA GLN A 214 10.59 -5.89 -11.05
C GLN A 214 11.86 -6.58 -11.54
N LYS A 215 11.97 -6.79 -12.86
CA LYS A 215 13.17 -7.40 -13.43
C LYS A 215 14.40 -6.55 -13.14
N ILE A 216 14.27 -5.23 -13.26
CA ILE A 216 15.36 -4.33 -12.91
C ILE A 216 15.71 -4.47 -11.44
N LEU A 217 14.70 -4.36 -10.56
CA LEU A 217 14.96 -4.31 -9.12
C LEU A 217 15.68 -5.56 -8.64
N LYS A 218 15.34 -6.72 -9.21
CA LYS A 218 15.93 -7.95 -8.71
C LYS A 218 17.41 -8.10 -9.07
N ARG A 219 17.91 -7.30 -10.02
CA ARG A 219 19.36 -7.28 -10.23
C ARG A 219 20.09 -6.56 -9.11
N TYR A 220 19.39 -5.78 -8.29
CA TYR A 220 20.09 -4.98 -7.28
C TYR A 220 19.83 -5.43 -5.85
N THR A 221 18.74 -6.14 -5.57
CA THR A 221 18.39 -6.36 -4.18
C THR A 221 17.51 -7.60 -4.05
N PRO A 222 17.58 -8.31 -2.93
CA PRO A 222 16.68 -9.45 -2.71
C PRO A 222 15.22 -9.03 -2.70
N ILE A 223 14.34 -10.00 -2.98
CA ILE A 223 12.92 -9.74 -3.12
C ILE A 223 12.28 -9.26 -1.82
N SER A 224 12.90 -9.58 -0.67
CA SER A 224 12.41 -9.15 0.62
C SER A 224 12.50 -7.64 0.82
N ASN A 225 13.22 -6.91 -0.05
CA ASN A 225 13.29 -5.47 -0.01
C ASN A 225 12.34 -4.80 -1.00
N ILE A 226 11.48 -5.58 -1.65
CA ILE A 226 10.61 -5.09 -2.72
C ILE A 226 9.16 -5.39 -2.36
N PHE A 227 8.27 -4.48 -2.71
CA PHE A 227 6.84 -4.69 -2.60
C PHE A 227 6.17 -4.19 -3.86
N TRP A 228 5.06 -4.83 -4.25
CA TRP A 228 4.25 -4.32 -5.34
C TRP A 228 2.79 -4.66 -5.15
N GLY A 229 1.94 -3.94 -5.87
CA GLY A 229 0.51 -4.20 -5.82
C GLY A 229 -0.23 -3.29 -6.78
N GLY A 230 -1.55 -3.27 -6.63
CA GLY A 230 -2.37 -2.43 -7.47
C GLY A 230 -2.56 -2.92 -8.89
N GLY A 231 -2.13 -4.13 -9.22
CA GLY A 231 -2.38 -4.69 -10.54
C GLY A 231 -1.29 -4.42 -11.57
N ILE A 232 -1.65 -4.70 -12.82
CA ILE A 232 -0.71 -4.70 -13.95
C ILE A 232 0.04 -3.38 -14.04
N ASN A 233 -0.67 -2.26 -13.88
CA ASN A 233 -0.11 -0.93 -13.97
C ASN A 233 -0.21 -0.21 -12.62
N GLY A 234 0.06 -0.95 -11.54
CA GLY A 234 -0.08 -0.44 -10.20
C GLY A 234 1.18 0.25 -9.70
N PHE A 235 1.82 -0.31 -8.66
CA PHE A 235 2.98 0.30 -8.06
C PHE A 235 3.97 -0.78 -7.65
N ILE A 236 5.26 -0.41 -7.61
CA ILE A 236 6.31 -1.28 -7.10
C ILE A 236 7.38 -0.40 -6.48
N GLY A 237 7.85 -0.77 -5.29
CA GLY A 237 8.78 0.09 -4.57
C GLY A 237 9.77 -0.71 -3.75
N THR A 238 10.76 0.00 -3.22
CA THR A 238 11.76 -0.57 -2.34
C THR A 238 11.55 -0.07 -0.91
N VAL A 239 11.84 -0.94 0.05
CA VAL A 239 11.71 -0.59 1.46
C VAL A 239 12.74 0.47 1.82
N ARG A 240 12.29 1.49 2.54
CA ARG A 240 13.16 2.63 2.86
C ARG A 240 14.44 2.17 3.56
N ASN A 241 15.56 2.79 3.19
CA ASN A 241 16.88 2.60 3.80
C ASN A 241 17.46 1.21 3.60
N ARG A 242 16.91 0.41 2.68
CA ARG A 242 17.52 -0.88 2.40
C ARG A 242 18.53 -0.83 1.26
N LEU A 243 18.46 0.17 0.41
CA LEU A 243 19.34 0.32 -0.74
C LEU A 243 20.16 1.59 -0.58
N THR A 244 21.40 1.56 -1.05
CA THR A 244 22.25 2.73 -1.00
C THR A 244 21.87 3.73 -2.11
N THR A 245 22.36 4.95 -1.97
CA THR A 245 22.08 5.96 -2.99
C THR A 245 22.57 5.53 -4.38
N ASN A 246 23.77 4.94 -4.46
CA ASN A 246 24.23 4.50 -5.77
C ASN A 246 23.35 3.39 -6.36
N GLU A 247 22.83 2.50 -5.51
CA GLU A 247 21.92 1.48 -6.05
C GLU A 247 20.63 2.11 -6.55
N ILE A 248 20.07 3.06 -5.79
CA ILE A 248 18.85 3.77 -6.23
C ILE A 248 19.12 4.50 -7.54
N LEU A 249 20.26 5.21 -7.62
CA LEU A 249 20.57 5.98 -8.83
C LEU A 249 20.72 5.07 -10.04
N ASN A 250 21.37 3.92 -9.87
CA ASN A 250 21.48 2.97 -10.97
C ASN A 250 20.11 2.48 -11.41
N ILE A 251 19.26 2.12 -10.46
CA ILE A 251 17.90 1.68 -10.80
C ILE A 251 17.17 2.78 -11.55
N VAL A 252 17.30 4.02 -11.09
CA VAL A 252 16.63 5.14 -11.77
C VAL A 252 17.09 5.23 -13.22
N GLU A 253 18.40 5.06 -13.46
CA GLU A 253 18.88 5.09 -14.84
C GLU A 253 18.30 3.93 -15.64
N GLN A 254 18.25 2.73 -15.06
CA GLN A 254 17.69 1.58 -15.77
C GLN A 254 16.23 1.82 -16.14
N ILE A 255 15.48 2.46 -15.24
CA ILE A 255 14.07 2.71 -15.53
C ILE A 255 13.93 3.74 -16.66
N LYS A 256 14.80 4.75 -16.67
CA LYS A 256 14.77 5.74 -17.75
C LYS A 256 15.13 5.11 -19.10
N LEU A 257 16.03 4.13 -19.09
CA LEU A 257 16.40 3.46 -20.33
C LEU A 257 15.21 2.76 -20.99
N LEU A 258 14.24 2.32 -20.19
CA LEU A 258 13.02 1.72 -20.75
C LEU A 258 12.25 2.70 -21.62
N GLU A 259 12.45 4.01 -21.44
CA GLU A 259 11.84 4.99 -22.32
C GLU A 259 12.55 5.11 -23.67
N LEU A 260 13.60 4.32 -23.91
CA LEU A 260 14.28 4.35 -25.19
C LEU A 260 13.97 3.08 -25.98
N23 A1EL3 B . 5.86 4.71 1.45
C22 A1EL3 B . 4.97 5.25 0.41
C24 A1EL3 B . 4.57 6.63 0.83
O25 A1EL3 B . 5.37 7.28 1.47
O26 A1EL3 B . 3.41 7.18 0.50
C21 A1EL3 B . 3.83 4.24 0.17
C20 A1EL3 B . 2.99 4.41 -1.09
S17 A1EL3 B . 1.82 3.23 -1.29
C18 A1EL3 B . 1.62 2.89 -2.89
C16 A1EL3 B . 2.65 2.02 -0.52
C14 A1EL3 B . 2.07 0.63 -0.59
O15 A1EL3 B . 3.15 -0.26 -0.36
C13 A1EL3 B . 1.08 0.37 0.54
O27 A1EL3 B . 0.19 -0.61 0.04
C12 A1EL3 B . 1.94 -0.29 1.60
O19 A1EL3 B . 1.22 -1.17 2.46
C11 A1EL3 B . 2.88 -1.10 0.74
N10 A1EL3 B . 4.09 -1.45 1.52
C9 A1EL3 B . 4.50 -2.70 1.78
N8 A1EL3 B . 5.63 -2.69 2.52
C7 A1EL3 B . 5.95 -1.41 2.74
C2 A1EL3 B . 7.02 -0.70 3.44
N1 A1EL3 B . 8.00 -1.37 4.08
N3 A1EL3 B . 6.98 0.64 3.41
C4 A1EL3 B . 6.01 1.31 2.78
N5 A1EL3 B . 5.00 0.73 2.12
C6 A1EL3 B . 4.92 -0.60 2.07
P28 A1EL3 B . -1.34 -0.57 0.41
O29 A1EL3 B . -2.02 -1.58 -0.38
O30 A1EL3 B . -1.54 -0.80 1.98
O31 A1EL3 B . -1.94 0.86 0.04
C32 A1EL3 B . -1.98 1.29 -1.30
C33 A1EL3 B . -2.13 2.80 -1.29
O37 A1EL3 B . -1.73 3.29 -2.54
C34 A1EL3 B . -3.58 3.19 -1.10
O49 A1EL3 B . -3.58 4.46 -0.46
C35 A1EL3 B . -4.10 3.29 -2.53
O48 A1EL3 B . -5.14 4.26 -2.68
C36 A1EL3 B . -2.87 3.74 -3.28
N38 A1EL3 B . -2.79 3.11 -4.59
C39 A1EL3 B . -3.29 1.95 -5.00
N40 A1EL3 B . -2.98 1.73 -6.29
C41 A1EL3 B . -2.26 2.77 -6.71
C46 A1EL3 B . -1.60 3.20 -7.95
N47 A1EL3 B . -1.66 2.44 -9.06
N45 A1EL3 B . -0.96 4.37 -7.94
C44 A1EL3 B . -0.89 5.15 -6.85
N43 A1EL3 B . -1.45 4.83 -5.69
C42 A1EL3 B . -2.13 3.67 -5.57
C TRS C . 17.23 9.02 4.47
C1 TRS C . 18.12 10.27 4.43
C2 TRS C . 16.32 8.98 3.24
C3 TRS C . 16.38 8.91 5.74
N TRS C . 18.14 7.82 4.42
O1 TRS C . 19.01 10.10 3.35
O2 TRS C . 15.58 7.78 3.29
O3 TRS C . 17.22 8.70 6.86
MN MN D . -3.16 -1.27 3.25
#